data_7S1N
#
_entry.id   7S1N
#
_cell.length_a   52.271
_cell.length_b   71.138
_cell.length_c   107.798
_cell.angle_alpha   90.00
_cell.angle_beta   90.00
_cell.angle_gamma   90.00
#
_symmetry.space_group_name_H-M   'P 21 21 21'
#
loop_
_entity.id
_entity.type
_entity.pdbx_description
1 polymer 'Mitogen-activated protein kinase 10'
2 non-polymer 4-[5-(2-chloro-6-fluoroanilino)-6-methyl-1H-pyrazolo[3,4-b]pyridin-1-yl]-N-(oxetan-3-yl)thiophene-2-carboxamide
3 water water
#
_entity_poly.entity_id   1
_entity_poly.type   'polypeptide(L)'
_entity_poly.pdbx_seq_one_letter_code
;MSLHFLYYCSEPTLDVKIAFCQGFDKQVDVSYIAKHYNMSKSKVDNQFYSVEVGDSTFTVLKRYQNLKPIGSGAQGIVCA
AYDAVLDRNVAIKKLSRPFQNQTHAKRAYRELVLMKCVNHKNIISLLNVFTPQKTLEEFQDVYLVMELMDANLCQVIQME
LDHERMSYLLYQMLCGIKHLHSAGIIHRDLKPSNIVVKSDCTLKILDFGLARTAGTSFMMTPYVVTRYYRAPEVILGMGY
KENVDIWSVGCIMGEMVRHKILFPGRDYIDQWNKVIEQLGTPCPEFMKKLQPTVRNYVENRPKYAGLTFPKLFPDSLFPA
DSEHNKLKASQARDLLSKMLVIDPAKRISVDDALQHPYINVWYDPAEVEAPPPQIYDKQLDEREHTIEEWKELIYKEVMN
SEEKTKNGVVKGQPSPSGAAVNSSESLPPSSSVNDISSMSTDQTLASDTDSSLEASAGPLGCCR
;
_entity_poly.pdbx_strand_id   A
#
# COMPACT_ATOMS: atom_id res chain seq x y z
N ASP A 45 -8.13 2.17 -39.42
CA ASP A 45 -9.33 2.66 -38.74
C ASP A 45 -9.54 1.94 -37.40
N ASN A 46 -8.83 0.83 -37.18
CA ASN A 46 -8.89 0.18 -35.88
C ASN A 46 -8.55 1.19 -34.79
N GLN A 47 -9.32 1.16 -33.71
CA GLN A 47 -9.13 2.16 -32.68
C GLN A 47 -7.98 1.84 -31.72
N PHE A 48 -7.24 0.74 -31.93
CA PHE A 48 -6.17 0.30 -31.06
C PHE A 48 -4.89 0.13 -31.86
N TYR A 49 -3.75 0.05 -31.16
CA TYR A 49 -2.50 -0.28 -31.83
C TYR A 49 -1.58 -0.91 -30.80
N SER A 50 -0.53 -1.59 -31.27
CA SER A 50 0.36 -2.35 -30.40
C SER A 50 1.80 -1.88 -30.50
N VAL A 51 2.46 -1.81 -29.33
CA VAL A 51 3.86 -1.45 -29.21
C VAL A 51 4.54 -2.38 -28.21
N GLU A 52 5.82 -2.62 -28.43
CA GLU A 52 6.64 -3.40 -27.52
C GLU A 52 7.28 -2.46 -26.51
N VAL A 53 6.92 -2.64 -25.24
CA VAL A 53 7.58 -2.01 -24.12
C VAL A 53 8.17 -3.14 -23.30
N GLY A 54 9.49 -3.12 -23.12
CA GLY A 54 10.12 -4.26 -22.47
C GLY A 54 9.71 -5.55 -23.15
N ASP A 55 9.46 -6.57 -22.32
CA ASP A 55 9.00 -7.86 -22.84
C ASP A 55 7.53 -7.82 -23.24
N SER A 56 6.74 -6.98 -22.59
CA SER A 56 5.29 -7.02 -22.75
C SER A 56 4.84 -6.25 -23.99
N THR A 57 3.77 -6.76 -24.61
CA THR A 57 3.08 -6.10 -25.71
C THR A 57 1.90 -5.31 -25.16
N PHE A 58 1.81 -4.04 -25.52
CA PHE A 58 0.75 -3.15 -25.07
C PHE A 58 -0.16 -2.81 -26.26
N THR A 59 -1.42 -3.20 -26.18
CA THR A 59 -2.39 -2.83 -27.22
C THR A 59 -3.35 -1.83 -26.57
N VAL A 60 -3.29 -0.57 -27.00
CA VAL A 60 -4.00 0.50 -26.31
C VAL A 60 -4.74 1.37 -27.33
N LEU A 61 -5.65 2.19 -26.80
CA LEU A 61 -6.37 3.15 -27.62
C LEU A 61 -5.40 4.14 -28.25
N LYS A 62 -5.73 4.56 -29.47
CA LYS A 62 -4.87 5.46 -30.24
C LYS A 62 -4.61 6.77 -29.52
N ARG A 63 -5.50 7.19 -28.64
CA ARG A 63 -5.28 8.42 -27.90
C ARG A 63 -3.96 8.38 -27.11
N TYR A 64 -3.50 7.18 -26.70
CA TYR A 64 -2.29 7.06 -25.88
C TYR A 64 -1.07 6.86 -26.77
N GLN A 65 -0.10 7.79 -26.70
CA GLN A 65 1.08 7.82 -27.57
C GLN A 65 2.35 7.84 -26.72
N ASN A 66 3.46 7.43 -27.35
CA ASN A 66 4.81 7.57 -26.78
C ASN A 66 4.98 6.74 -25.52
N LEU A 67 4.47 5.50 -25.56
CA LEU A 67 4.59 4.64 -24.38
C LEU A 67 6.07 4.41 -24.07
N LYS A 68 6.42 4.50 -22.79
CA LYS A 68 7.77 4.26 -22.28
C LYS A 68 7.63 3.49 -20.97
N PRO A 69 8.44 2.47 -20.75
CA PRO A 69 8.31 1.68 -19.51
C PRO A 69 8.67 2.50 -18.29
N ILE A 70 8.16 2.08 -17.13
CA ILE A 70 8.40 2.87 -15.92
C ILE A 70 8.56 2.01 -14.67
N GLY A 71 7.87 0.88 -14.60
CA GLY A 71 7.96 0.08 -13.39
C GLY A 71 7.26 -1.26 -13.51
N SER A 72 7.23 -1.97 -12.38
CA SER A 72 6.64 -3.31 -12.28
C SER A 72 5.57 -3.33 -11.19
N GLY A 73 4.46 -4.01 -11.48
CA GLY A 73 3.33 -4.00 -10.58
C GLY A 73 2.76 -5.37 -10.22
N ALA A 74 3.47 -6.45 -10.54
CA ALA A 74 3.04 -7.80 -10.19
C ALA A 74 1.67 -8.12 -10.78
N GLN A 75 0.67 -7.30 -10.46
CA GLN A 75 -0.65 -7.43 -11.07
C GLN A 75 -0.61 -7.18 -12.58
N GLY A 76 0.42 -6.46 -13.05
CA GLY A 76 0.58 -6.20 -14.47
C GLY A 76 1.84 -5.40 -14.72
N ILE A 77 2.08 -5.12 -16.00
CA ILE A 77 3.20 -4.27 -16.39
C ILE A 77 2.67 -2.87 -16.67
N VAL A 78 3.56 -1.88 -16.60
CA VAL A 78 3.14 -0.49 -16.52
C VAL A 78 3.93 0.34 -17.53
N CYS A 79 3.34 1.45 -17.97
N CYS A 79 3.33 1.44 -17.97
CA CYS A 79 4.08 2.33 -18.86
CA CYS A 79 4.00 2.34 -18.91
C CYS A 79 3.55 3.76 -18.72
C CYS A 79 3.54 3.77 -18.69
N ALA A 80 4.43 4.71 -19.03
CA ALA A 80 4.04 6.10 -19.18
C ALA A 80 3.60 6.34 -20.62
N ALA A 81 2.74 7.33 -20.81
CA ALA A 81 2.25 7.67 -22.13
C ALA A 81 1.65 9.07 -22.08
N TYR A 82 1.56 9.69 -23.25
CA TYR A 82 0.82 10.94 -23.45
C TYR A 82 -0.58 10.63 -23.94
N ASP A 83 -1.59 11.13 -23.24
CA ASP A 83 -2.98 10.95 -23.64
C ASP A 83 -3.40 12.17 -24.46
N ALA A 84 -3.58 11.99 -25.77
CA ALA A 84 -3.83 13.15 -26.63
C ALA A 84 -5.25 13.69 -26.48
N VAL A 85 -6.21 12.86 -26.08
CA VAL A 85 -7.54 13.39 -25.82
C VAL A 85 -7.50 14.30 -24.61
N LEU A 86 -6.78 13.88 -23.56
CA LEU A 86 -6.77 14.63 -22.32
C LEU A 86 -5.64 15.65 -22.26
N ASP A 87 -4.70 15.58 -23.21
CA ASP A 87 -3.51 16.43 -23.24
C ASP A 87 -2.85 16.48 -21.86
N ARG A 88 -2.36 15.32 -21.44
CA ARG A 88 -1.69 15.13 -20.15
C ARG A 88 -1.06 13.75 -20.13
N ASN A 89 -0.14 13.54 -19.21
CA ASN A 89 0.56 12.27 -19.15
C ASN A 89 -0.13 11.32 -18.19
N VAL A 90 -0.12 10.03 -18.55
CA VAL A 90 -0.85 9.01 -17.81
C VAL A 90 0.08 7.83 -17.62
N ALA A 91 -0.34 6.92 -16.73
CA ALA A 91 0.33 5.63 -16.54
C ALA A 91 -0.66 4.53 -16.88
N ILE A 92 -0.20 3.53 -17.63
CA ILE A 92 -1.05 2.46 -18.14
C ILE A 92 -0.54 1.13 -17.64
N LYS A 93 -1.43 0.38 -17.01
CA LYS A 93 -1.08 -0.90 -16.43
C LYS A 93 -1.88 -1.97 -17.17
N LYS A 94 -1.17 -2.97 -17.68
CA LYS A 94 -1.78 -4.08 -18.39
C LYS A 94 -1.95 -5.26 -17.43
N LEU A 95 -3.18 -5.73 -17.26
CA LEU A 95 -3.46 -6.97 -16.55
C LEU A 95 -3.64 -8.10 -17.56
N SER A 96 -2.66 -9.02 -17.62
CA SER A 96 -2.66 -10.10 -18.60
C SER A 96 -3.52 -11.24 -18.10
N ARG A 97 -4.60 -11.54 -18.83
CA ARG A 97 -5.46 -12.68 -18.54
C ARG A 97 -5.71 -12.76 -17.02
N PRO A 98 -6.23 -11.69 -16.42
CA PRO A 98 -6.35 -11.65 -14.95
C PRO A 98 -7.15 -12.81 -14.38
N PHE A 99 -7.94 -13.48 -15.21
CA PHE A 99 -8.81 -14.56 -14.76
C PHE A 99 -8.10 -15.91 -14.72
N GLN A 100 -6.80 -15.92 -15.01
CA GLN A 100 -6.10 -17.19 -15.20
C GLN A 100 -6.05 -18.04 -13.92
N ASN A 101 -6.25 -17.45 -12.75
CA ASN A 101 -6.33 -18.19 -11.50
C ASN A 101 -6.96 -17.28 -10.45
N GLN A 102 -7.30 -17.86 -9.29
CA GLN A 102 -8.13 -17.15 -8.31
C GLN A 102 -7.42 -15.95 -7.68
N THR A 103 -6.10 -16.04 -7.49
CA THR A 103 -5.41 -14.92 -6.87
C THR A 103 -5.43 -13.69 -7.77
N HIS A 104 -4.99 -13.84 -9.02
CA HIS A 104 -5.11 -12.74 -9.97
C HIS A 104 -6.56 -12.31 -10.13
N ALA A 105 -7.48 -13.27 -10.21
CA ALA A 105 -8.88 -12.94 -10.48
C ALA A 105 -9.50 -12.16 -9.33
N LYS A 106 -9.42 -12.72 -8.11
CA LYS A 106 -10.01 -12.05 -6.95
C LYS A 106 -9.48 -10.63 -6.82
N ARG A 107 -8.16 -10.48 -6.93
CA ARG A 107 -7.55 -9.15 -6.85
C ARG A 107 -8.07 -8.24 -7.93
N ALA A 108 -7.95 -8.67 -9.19
CA ALA A 108 -8.35 -7.80 -10.29
C ALA A 108 -9.79 -7.34 -10.13
N TYR A 109 -10.67 -8.28 -9.79
CA TYR A 109 -12.10 -7.97 -9.62
C TYR A 109 -12.32 -7.02 -8.45
N ARG A 110 -11.83 -7.42 -7.27
CA ARG A 110 -11.90 -6.58 -6.09
C ARG A 110 -11.51 -5.12 -6.38
N GLU A 111 -10.39 -4.93 -7.06
CA GLU A 111 -9.87 -3.58 -7.23
C GLU A 111 -10.65 -2.80 -8.30
N LEU A 112 -11.24 -3.46 -9.29
CA LEU A 112 -12.11 -2.74 -10.20
C LEU A 112 -13.35 -2.18 -9.50
N VAL A 113 -13.98 -2.98 -8.62
CA VAL A 113 -15.21 -2.49 -8.01
C VAL A 113 -14.91 -1.38 -6.99
N LEU A 114 -13.73 -1.40 -6.37
CA LEU A 114 -13.38 -0.31 -5.45
C LEU A 114 -12.94 0.95 -6.20
N MET A 115 -12.00 0.84 -7.15
CA MET A 115 -11.64 2.05 -7.88
C MET A 115 -12.86 2.72 -8.50
N LYS A 116 -13.94 1.97 -8.70
CA LYS A 116 -15.23 2.49 -9.13
C LYS A 116 -16.11 2.91 -7.95
N CYS A 117 -15.53 3.21 -6.79
CA CYS A 117 -16.32 3.53 -5.62
C CYS A 117 -15.67 4.63 -4.78
N VAL A 118 -14.36 4.47 -4.48
CA VAL A 118 -13.65 5.42 -3.64
C VAL A 118 -13.46 6.74 -4.40
N ASN A 119 -13.08 7.78 -3.66
CA ASN A 119 -12.91 9.08 -4.29
C ASN A 119 -12.16 10.01 -3.33
N HIS A 120 -10.83 10.01 -3.45
CA HIS A 120 -10.00 10.75 -2.51
C HIS A 120 -8.64 11.04 -3.13
N LYS A 121 -8.13 12.26 -2.90
CA LYS A 121 -6.92 12.73 -3.55
C LYS A 121 -5.70 11.86 -3.28
N ASN A 122 -5.69 11.09 -2.18
CA ASN A 122 -4.56 10.26 -1.82
C ASN A 122 -4.77 8.77 -2.15
N ILE A 123 -5.82 8.45 -2.89
CA ILE A 123 -6.16 7.07 -3.21
C ILE A 123 -6.36 6.97 -4.71
N ILE A 124 -5.75 5.96 -5.33
CA ILE A 124 -5.79 5.84 -6.78
C ILE A 124 -7.19 6.13 -7.29
N SER A 125 -7.26 6.87 -8.39
CA SER A 125 -8.49 7.12 -9.10
C SER A 125 -8.21 6.84 -10.58
N LEU A 126 -9.07 6.05 -11.21
CA LEU A 126 -8.80 5.58 -12.56
C LEU A 126 -9.35 6.57 -13.58
N LEU A 127 -8.54 6.90 -14.58
CA LEU A 127 -9.02 7.77 -15.64
C LEU A 127 -9.71 6.99 -16.75
N ASN A 128 -9.42 5.70 -16.91
CA ASN A 128 -9.93 4.89 -18.00
C ASN A 128 -9.67 3.43 -17.67
N VAL A 129 -10.51 2.56 -18.23
CA VAL A 129 -10.37 1.11 -18.23
C VAL A 129 -10.82 0.61 -19.59
N PHE A 130 -10.09 -0.33 -20.17
CA PHE A 130 -10.48 -0.81 -21.50
C PHE A 130 -9.82 -2.14 -21.79
N THR A 131 -10.43 -2.86 -22.72
CA THR A 131 -9.83 -4.03 -23.30
C THR A 131 -9.87 -3.86 -24.80
N PRO A 132 -8.80 -4.23 -25.51
CA PRO A 132 -8.83 -4.15 -26.97
C PRO A 132 -9.59 -5.31 -27.61
N GLN A 133 -10.06 -6.27 -26.81
CA GLN A 133 -10.84 -7.38 -27.33
C GLN A 133 -12.33 -7.03 -27.32
N LYS A 134 -13.02 -7.54 -28.36
CA LYS A 134 -14.35 -7.12 -28.77
C LYS A 134 -15.49 -7.94 -28.15
N THR A 135 -15.24 -9.20 -27.80
CA THR A 135 -16.25 -10.04 -27.20
C THR A 135 -15.71 -10.67 -25.92
N LEU A 136 -16.64 -11.20 -25.13
CA LEU A 136 -16.26 -11.99 -23.96
C LEU A 136 -15.41 -13.18 -24.38
N GLU A 137 -15.76 -13.81 -25.50
CA GLU A 137 -15.07 -15.03 -25.90
C GLU A 137 -13.62 -14.75 -26.24
N GLU A 138 -13.33 -13.56 -26.78
CA GLU A 138 -11.97 -13.18 -27.11
C GLU A 138 -11.28 -12.43 -25.98
N PHE A 139 -11.99 -12.15 -24.89
CA PHE A 139 -11.50 -11.26 -23.85
C PHE A 139 -10.26 -11.82 -23.19
N GLN A 140 -9.21 -10.99 -23.12
CA GLN A 140 -7.93 -11.44 -22.60
C GLN A 140 -7.32 -10.48 -21.57
N ASP A 141 -7.15 -9.21 -21.97
CA ASP A 141 -6.37 -8.27 -21.17
C ASP A 141 -7.21 -7.05 -20.80
N VAL A 142 -6.86 -6.46 -19.67
CA VAL A 142 -7.50 -5.28 -19.12
C VAL A 142 -6.41 -4.24 -18.93
N TYR A 143 -6.68 -3.01 -19.39
CA TYR A 143 -5.75 -1.89 -19.25
C TYR A 143 -6.37 -0.86 -18.34
N LEU A 144 -5.65 -0.48 -17.30
CA LEU A 144 -6.03 0.56 -16.37
C LEU A 144 -5.12 1.77 -16.58
N VAL A 145 -5.69 2.97 -16.49
CA VAL A 145 -5.03 4.22 -16.87
C VAL A 145 -5.26 5.19 -15.73
N MET A 146 -4.18 5.84 -15.28
CA MET A 146 -4.32 6.83 -14.22
C MET A 146 -3.35 7.98 -14.45
N GLU A 147 -3.46 8.99 -13.60
CA GLU A 147 -2.51 10.11 -13.65
C GLU A 147 -1.08 9.60 -13.48
N LEU A 148 -0.16 10.17 -14.27
CA LEU A 148 1.24 9.80 -14.17
C LEU A 148 1.88 10.52 -12.99
N MET A 149 2.50 9.77 -12.11
CA MET A 149 3.23 10.27 -10.97
C MET A 149 4.72 10.37 -11.31
N ASP A 150 5.55 10.75 -10.33
CA ASP A 150 6.96 10.90 -10.60
C ASP A 150 7.85 9.86 -9.95
N ALA A 151 7.39 9.22 -8.89
CA ALA A 151 8.26 8.29 -8.18
C ALA A 151 7.42 7.32 -7.38
N ASN A 152 7.98 6.15 -7.17
CA ASN A 152 7.49 5.16 -6.23
C ASN A 152 8.06 5.43 -4.82
N LEU A 153 7.25 5.23 -3.78
CA LEU A 153 7.68 5.56 -2.42
C LEU A 153 8.93 4.82 -1.98
N CYS A 154 9.24 3.67 -2.59
CA CYS A 154 10.53 3.03 -2.32
C CYS A 154 11.68 3.94 -2.66
N GLN A 155 11.56 4.70 -3.75
CA GLN A 155 12.60 5.65 -4.15
C GLN A 155 12.67 6.81 -3.18
N VAL A 156 11.52 7.35 -2.77
CA VAL A 156 11.50 8.48 -1.83
C VAL A 156 12.14 8.09 -0.50
N ILE A 157 11.87 6.86 -0.05
CA ILE A 157 12.38 6.39 1.24
C ILE A 157 13.90 6.39 1.27
N GLN A 158 14.57 6.17 0.14
CA GLN A 158 16.02 6.19 0.21
C GLN A 158 16.60 7.60 0.31
N MET A 159 15.76 8.62 0.18
CA MET A 159 16.23 9.99 0.16
C MET A 159 16.30 10.55 1.58
N GLU A 160 17.30 11.39 1.83
CA GLU A 160 17.27 12.18 3.05
C GLU A 160 16.16 13.22 2.95
N LEU A 161 15.22 13.22 3.89
CA LEU A 161 14.04 14.06 3.83
C LEU A 161 13.96 14.92 5.08
N ASP A 162 13.71 16.21 4.91
CA ASP A 162 13.43 17.08 6.04
C ASP A 162 12.12 16.65 6.70
N HIS A 163 11.81 17.27 7.85
CA HIS A 163 10.57 16.96 8.56
C HIS A 163 9.34 17.44 7.81
N GLU A 164 9.43 18.59 7.15
CA GLU A 164 8.29 19.09 6.37
C GLU A 164 7.80 18.02 5.40
N ARG A 165 8.72 17.41 4.66
CA ARG A 165 8.37 16.42 3.66
C ARG A 165 7.95 15.10 4.31
N MET A 166 8.74 14.58 5.25
CA MET A 166 8.35 13.34 5.92
C MET A 166 6.97 13.47 6.58
N SER A 167 6.75 14.50 7.38
CA SER A 167 5.43 14.66 8.01
C SER A 167 4.32 14.79 6.97
N TYR A 168 4.61 15.40 5.83
CA TYR A 168 3.56 15.61 4.84
C TYR A 168 3.20 14.30 4.13
N LEU A 169 4.19 13.51 3.73
CA LEU A 169 3.90 12.21 3.14
C LEU A 169 3.10 11.35 4.12
N LEU A 170 3.59 11.22 5.36
CA LEU A 170 2.88 10.44 6.37
C LEU A 170 1.45 10.93 6.58
N TYR A 171 1.28 12.26 6.68
CA TYR A 171 -0.08 12.81 6.82
C TYR A 171 -0.97 12.41 5.65
N GLN A 172 -0.41 12.37 4.44
CA GLN A 172 -1.22 11.97 3.29
C GLN A 172 -1.59 10.49 3.38
N MET A 173 -0.62 9.66 3.74
CA MET A 173 -0.88 8.24 3.98
C MET A 173 -2.08 8.08 4.90
N LEU A 174 -2.02 8.70 6.09
CA LEU A 174 -3.10 8.58 7.05
C LEU A 174 -4.43 9.10 6.51
N CYS A 175 -4.40 10.18 5.74
CA CYS A 175 -5.62 10.67 5.12
C CYS A 175 -6.22 9.61 4.19
N GLY A 176 -5.39 9.04 3.31
CA GLY A 176 -5.89 8.01 2.41
C GLY A 176 -6.43 6.82 3.17
N ILE A 177 -5.66 6.31 4.12
CA ILE A 177 -6.09 5.21 4.97
C ILE A 177 -7.41 5.56 5.64
N LYS A 178 -7.52 6.77 6.18
CA LYS A 178 -8.77 7.15 6.84
C LYS A 178 -9.95 7.07 5.87
N HIS A 179 -9.75 7.53 4.64
CA HIS A 179 -10.82 7.39 3.65
C HIS A 179 -11.18 5.92 3.47
N LEU A 180 -10.18 5.07 3.23
CA LEU A 180 -10.45 3.64 3.03
C LEU A 180 -11.31 3.09 4.15
N HIS A 181 -10.94 3.38 5.40
CA HIS A 181 -11.74 2.92 6.53
C HIS A 181 -13.15 3.51 6.49
N SER A 182 -13.27 4.80 6.17
CA SER A 182 -14.60 5.39 6.07
C SER A 182 -15.46 4.65 5.05
N ALA A 183 -14.82 4.08 4.02
CA ALA A 183 -15.51 3.30 3.01
C ALA A 183 -15.61 1.83 3.37
N GLY A 184 -15.27 1.45 4.60
CA GLY A 184 -15.40 0.07 5.01
C GLY A 184 -14.32 -0.83 4.48
N ILE A 185 -13.18 -0.28 4.09
CA ILE A 185 -12.03 -1.03 3.61
C ILE A 185 -10.92 -0.92 4.62
N ILE A 186 -10.42 -2.06 5.09
CA ILE A 186 -9.24 -2.13 5.93
C ILE A 186 -8.16 -2.85 5.13
N HIS A 187 -7.04 -2.16 4.89
CA HIS A 187 -6.08 -2.57 3.89
C HIS A 187 -5.31 -3.83 4.26
N ARG A 188 -4.49 -3.74 5.30
CA ARG A 188 -3.79 -4.86 5.91
C ARG A 188 -2.55 -5.27 5.15
N ASP A 189 -2.24 -4.68 3.98
CA ASP A 189 -0.98 -4.98 3.29
C ASP A 189 -0.40 -3.72 2.64
N LEU A 190 -0.56 -2.58 3.29
CA LEU A 190 0.04 -1.36 2.77
C LEU A 190 1.56 -1.49 2.81
N LYS A 191 2.21 -1.24 1.68
CA LYS A 191 3.66 -1.26 1.59
C LYS A 191 4.10 -0.16 0.64
N PRO A 192 5.36 0.26 0.73
CA PRO A 192 5.82 1.41 -0.09
C PRO A 192 5.74 1.17 -1.59
N SER A 193 5.96 -0.06 -2.07
CA SER A 193 5.98 -0.27 -3.50
C SER A 193 4.62 -0.01 -4.14
N ASN A 194 3.54 0.01 -3.36
CA ASN A 194 2.23 0.31 -3.91
C ASN A 194 1.80 1.73 -3.56
N ILE A 195 2.76 2.64 -3.41
CA ILE A 195 2.54 4.05 -3.07
C ILE A 195 3.39 4.87 -4.03
N VAL A 196 2.80 5.93 -4.60
CA VAL A 196 3.53 6.73 -5.57
C VAL A 196 3.40 8.18 -5.16
N VAL A 197 4.35 9.00 -5.65
CA VAL A 197 4.51 10.37 -5.23
C VAL A 197 4.83 11.25 -6.44
N LYS A 198 4.38 12.50 -6.40
CA LYS A 198 4.72 13.54 -7.35
C LYS A 198 5.81 14.44 -6.78
N SER A 199 6.52 15.16 -7.67
CA SER A 199 7.59 16.05 -7.25
C SER A 199 7.12 17.08 -6.22
N ASP A 200 5.89 17.56 -6.34
CA ASP A 200 5.32 18.46 -5.32
C ASP A 200 5.01 17.77 -3.98
N CYS A 201 5.44 16.53 -3.74
CA CYS A 201 5.22 15.82 -2.48
C CYS A 201 3.86 15.16 -2.33
N THR A 202 2.99 15.18 -3.35
CA THR A 202 1.67 14.58 -3.23
C THR A 202 1.76 13.07 -3.46
N LEU A 203 0.84 12.35 -2.86
CA LEU A 203 1.01 10.91 -2.66
C LEU A 203 -0.29 10.20 -2.99
N LYS A 204 -0.18 8.97 -3.48
CA LYS A 204 -1.38 8.16 -3.69
C LYS A 204 -1.09 6.71 -3.34
N ILE A 205 -2.06 6.10 -2.68
CA ILE A 205 -2.09 4.65 -2.43
C ILE A 205 -2.75 3.95 -3.62
N LEU A 206 -2.06 2.95 -4.18
CA LEU A 206 -2.44 2.36 -5.44
C LEU A 206 -3.20 1.03 -5.33
N ASP A 207 -3.39 0.45 -4.15
CA ASP A 207 -4.02 -0.87 -4.05
C ASP A 207 -4.96 -0.89 -2.85
N PHE A 208 -5.69 -1.99 -2.68
CA PHE A 208 -6.66 -2.06 -1.59
C PHE A 208 -6.39 -3.21 -0.62
N GLY A 209 -5.21 -3.84 -0.65
CA GLY A 209 -4.89 -4.75 0.42
C GLY A 209 -5.37 -6.18 0.24
N LEU A 210 -5.51 -6.89 1.37
CA LEU A 210 -5.77 -8.32 1.36
C LEU A 210 -7.25 -8.64 1.13
N ALA A 211 -7.53 -9.91 0.80
CA ALA A 211 -8.91 -10.37 0.64
C ALA A 211 -9.60 -10.44 2.00
N SER A 217 -3.93 -19.84 -1.60
CA SER A 217 -3.49 -18.56 -2.17
C SER A 217 -2.24 -18.77 -3.02
N PHE A 218 -2.18 -19.90 -3.68
CA PHE A 218 -1.02 -20.25 -4.49
C PHE A 218 -0.73 -19.19 -5.54
N MET A 219 0.55 -19.07 -5.90
CA MET A 219 0.99 -18.18 -6.96
C MET A 219 2.14 -18.86 -7.67
N MET A 220 1.89 -19.35 -8.88
CA MET A 220 2.85 -20.17 -9.61
C MET A 220 3.81 -19.33 -10.43
N THR A 221 4.35 -18.29 -9.82
CA THR A 221 5.07 -17.29 -10.60
C THR A 221 6.51 -17.19 -10.14
N PRO A 222 7.29 -16.24 -10.66
CA PRO A 222 8.67 -16.08 -10.20
C PRO A 222 8.77 -15.12 -9.02
N TYR A 223 7.88 -14.13 -8.97
CA TYR A 223 8.03 -13.00 -8.08
C TYR A 223 7.39 -13.23 -6.71
N VAL A 224 8.03 -12.68 -5.67
CA VAL A 224 7.70 -12.91 -4.28
C VAL A 224 6.83 -11.78 -3.75
N VAL A 225 5.95 -12.11 -2.82
CA VAL A 225 5.18 -11.08 -2.14
C VAL A 225 6.00 -10.49 -1.01
N THR A 226 5.79 -9.20 -0.78
CA THR A 226 6.53 -8.43 0.22
C THR A 226 5.69 -8.34 1.48
N ARG A 227 6.25 -8.86 2.58
CA ARG A 227 5.51 -9.02 3.84
C ARG A 227 6.06 -8.19 5.01
N TYR A 228 7.11 -7.42 4.79
CA TYR A 228 7.81 -6.71 5.86
C TYR A 228 6.99 -5.66 6.59
N TYR A 229 5.85 -5.22 6.03
CA TYR A 229 5.07 -4.11 6.60
C TYR A 229 3.76 -4.58 7.23
N ARG A 230 3.53 -5.88 7.31
CA ARG A 230 2.28 -6.42 7.84
C ARG A 230 2.30 -6.46 9.35
N ALA A 231 1.16 -6.09 9.95
CA ALA A 231 1.06 -5.97 11.39
C ALA A 231 1.18 -7.33 12.06
N PRO A 232 1.45 -7.33 13.37
CA PRO A 232 1.48 -8.62 14.11
C PRO A 232 0.19 -9.40 13.98
N GLU A 233 -0.95 -8.72 14.12
CA GLU A 233 -2.18 -9.47 14.02
C GLU A 233 -2.27 -10.14 12.67
N VAL A 234 -1.71 -9.53 11.63
CA VAL A 234 -1.67 -10.22 10.34
C VAL A 234 -0.64 -11.33 10.37
N ILE A 235 0.54 -11.07 10.92
CA ILE A 235 1.57 -12.10 10.94
C ILE A 235 1.06 -13.35 11.63
N LEU A 236 0.24 -13.18 12.67
CA LEU A 236 -0.06 -14.25 13.62
C LEU A 236 -1.45 -14.84 13.47
N GLY A 237 -2.24 -14.40 12.49
CA GLY A 237 -3.56 -14.96 12.28
C GLY A 237 -4.53 -14.53 13.34
N MET A 238 -4.61 -13.22 13.57
CA MET A 238 -5.09 -12.72 14.86
C MET A 238 -6.49 -12.12 14.87
N GLY A 239 -7.06 -11.81 13.72
CA GLY A 239 -8.15 -10.84 13.74
C GLY A 239 -7.65 -9.44 14.04
N TYR A 240 -8.45 -8.45 13.64
CA TYR A 240 -7.91 -7.10 13.50
C TYR A 240 -9.02 -6.08 13.47
N LYS A 241 -8.63 -4.83 13.71
CA LYS A 241 -9.48 -3.68 13.46
C LYS A 241 -8.72 -2.65 12.64
N GLU A 242 -9.30 -1.46 12.53
CA GLU A 242 -8.88 -0.51 11.52
C GLU A 242 -7.43 -0.11 11.68
N ASN A 243 -6.95 0.04 12.91
CA ASN A 243 -5.57 0.47 13.15
C ASN A 243 -4.54 -0.65 12.91
N VAL A 244 -4.95 -1.76 12.26
CA VAL A 244 -3.97 -2.69 11.70
C VAL A 244 -3.05 -1.95 10.73
N ASP A 245 -3.58 -0.94 10.04
CA ASP A 245 -2.81 -0.22 9.03
C ASP A 245 -1.86 0.79 9.65
N ILE A 246 -2.06 1.15 10.92
CA ILE A 246 -1.12 2.02 11.60
C ILE A 246 0.25 1.34 11.67
N TRP A 247 0.28 0.06 12.05
CA TRP A 247 1.55 -0.65 12.10
C TRP A 247 2.35 -0.41 10.83
N SER A 248 1.72 -0.59 9.67
CA SER A 248 2.43 -0.50 8.40
C SER A 248 2.95 0.92 8.17
N VAL A 249 2.16 1.93 8.55
CA VAL A 249 2.65 3.30 8.52
C VAL A 249 3.91 3.44 9.38
N GLY A 250 3.87 2.93 10.61
CA GLY A 250 5.06 2.99 11.44
C GLY A 250 6.26 2.32 10.79
N CYS A 251 6.04 1.19 10.11
CA CYS A 251 7.14 0.50 9.46
C CYS A 251 7.75 1.38 8.36
N ILE A 252 6.89 2.09 7.63
CA ILE A 252 7.33 2.95 6.53
C ILE A 252 8.09 4.16 7.08
N MET A 253 7.53 4.78 8.10
CA MET A 253 8.18 5.92 8.74
C MET A 253 9.53 5.53 9.35
N GLY A 254 9.59 4.40 10.04
CA GLY A 254 10.87 3.97 10.60
C GLY A 254 11.91 3.74 9.53
N GLU A 255 11.51 3.16 8.39
CA GLU A 255 12.43 2.91 7.28
C GLU A 255 12.90 4.21 6.63
N MET A 256 12.00 5.20 6.55
CA MET A 256 12.39 6.56 6.12
C MET A 256 13.53 7.09 6.97
N VAL A 257 13.46 6.87 8.28
CA VAL A 257 14.47 7.38 9.22
C VAL A 257 15.76 6.59 9.08
N ARG A 258 15.65 5.26 9.20
CA ARG A 258 16.77 4.35 9.30
C ARG A 258 17.29 3.92 7.96
N HIS A 259 16.45 3.91 6.93
CA HIS A 259 16.90 3.61 5.57
C HIS A 259 17.26 2.13 5.43
N LYS A 260 16.64 1.29 6.25
CA LYS A 260 16.69 -0.15 6.05
C LYS A 260 15.35 -0.72 6.49
N ILE A 261 14.96 -1.85 5.90
CA ILE A 261 13.72 -2.51 6.30
C ILE A 261 13.80 -2.86 7.78
N LEU A 262 12.78 -2.49 8.55
CA LEU A 262 12.82 -2.67 9.99
C LEU A 262 12.75 -4.15 10.37
N PHE A 263 11.90 -4.92 9.69
CA PHE A 263 11.62 -6.30 10.06
C PHE A 263 11.77 -7.17 8.83
N PRO A 264 12.99 -7.40 8.38
CA PRO A 264 13.21 -8.30 7.24
C PRO A 264 13.03 -9.75 7.62
N GLY A 265 13.14 -10.65 6.64
CA GLY A 265 13.04 -12.07 6.91
C GLY A 265 12.65 -12.92 5.71
N ARG A 266 13.08 -14.19 5.70
CA ARG A 266 12.65 -15.13 4.68
C ARG A 266 11.16 -15.41 4.81
N ASP A 267 10.70 -15.58 6.05
CA ASP A 267 9.39 -16.06 6.42
C ASP A 267 8.87 -15.20 7.56
N TYR A 268 7.60 -15.39 7.90
CA TYR A 268 7.11 -14.88 9.16
C TYR A 268 7.96 -15.33 10.35
N ILE A 269 8.79 -16.35 10.20
CA ILE A 269 9.58 -16.83 11.33
C ILE A 269 10.63 -15.77 11.67
N ASP A 270 11.58 -15.57 10.73
CA ASP A 270 12.55 -14.49 10.81
C ASP A 270 11.92 -13.16 11.17
N GLN A 271 10.75 -12.87 10.59
CA GLN A 271 10.18 -11.54 10.73
C GLN A 271 9.72 -11.29 12.17
N TRP A 272 9.08 -12.29 12.78
CA TRP A 272 8.68 -12.15 14.17
C TRP A 272 9.91 -12.01 15.05
N ASN A 273 10.98 -12.75 14.74
CA ASN A 273 12.25 -12.61 15.44
C ASN A 273 12.69 -11.15 15.45
N LYS A 274 12.73 -10.52 14.28
CA LYS A 274 13.10 -9.11 14.22
C LYS A 274 12.15 -8.20 15.00
N VAL A 275 10.87 -8.56 15.08
CA VAL A 275 9.91 -7.74 15.81
C VAL A 275 10.21 -7.73 17.31
N ILE A 276 10.40 -8.92 17.89
CA ILE A 276 10.57 -8.97 19.36
C ILE A 276 11.98 -8.57 19.77
N GLU A 277 13.00 -8.91 18.96
CA GLU A 277 14.35 -8.47 19.25
C GLU A 277 14.42 -6.97 19.44
N GLN A 278 13.56 -6.21 18.76
CA GLN A 278 13.63 -4.76 18.78
C GLN A 278 12.60 -4.12 19.70
N LEU A 279 11.36 -4.61 19.70
CA LEU A 279 10.28 -3.96 20.44
C LEU A 279 10.01 -4.60 21.80
N GLY A 280 10.61 -5.75 22.07
CA GLY A 280 10.30 -6.48 23.28
C GLY A 280 9.13 -7.44 23.14
N THR A 281 9.21 -8.57 23.84
CA THR A 281 8.14 -9.55 23.88
C THR A 281 6.82 -8.88 24.26
N PRO A 282 5.71 -9.22 23.60
CA PRO A 282 4.44 -8.56 23.91
C PRO A 282 3.95 -8.90 25.31
N CYS A 283 2.95 -8.14 25.75
CA CYS A 283 2.43 -8.29 27.09
C CYS A 283 1.66 -9.60 27.21
N PRO A 284 1.78 -10.31 28.33
CA PRO A 284 0.96 -11.50 28.51
C PRO A 284 -0.48 -11.28 28.09
N GLU A 285 -1.02 -10.08 28.36
CA GLU A 285 -2.40 -9.82 27.95
C GLU A 285 -2.57 -10.01 26.45
N PHE A 286 -1.52 -9.74 25.67
CA PHE A 286 -1.52 -9.94 24.23
C PHE A 286 -1.40 -11.41 23.88
N MET A 287 -0.66 -12.18 24.67
CA MET A 287 -0.67 -13.64 24.54
C MET A 287 -2.10 -14.19 24.57
N LYS A 288 -2.86 -13.84 25.60
CA LYS A 288 -4.18 -14.42 25.82
C LYS A 288 -5.12 -14.27 24.62
N LYS A 289 -4.78 -13.41 23.65
CA LYS A 289 -5.63 -13.18 22.50
C LYS A 289 -5.15 -13.91 21.26
N LEU A 290 -4.04 -14.64 21.36
CA LEU A 290 -3.59 -15.45 20.24
C LEU A 290 -4.35 -16.79 20.23
N GLN A 291 -4.37 -17.42 19.07
CA GLN A 291 -4.91 -18.77 18.97
C GLN A 291 -4.01 -19.72 19.78
N PRO A 292 -4.53 -20.87 20.22
CA PRO A 292 -3.74 -21.70 21.15
C PRO A 292 -2.42 -22.16 20.55
N THR A 293 -2.44 -22.70 19.32
CA THR A 293 -1.20 -23.16 18.71
C THR A 293 -0.23 -22.01 18.43
N VAL A 294 -0.71 -20.92 17.82
CA VAL A 294 0.17 -19.78 17.59
C VAL A 294 0.64 -19.20 18.92
N ARG A 295 -0.22 -19.23 19.94
CA ARG A 295 0.17 -18.73 21.25
C ARG A 295 1.31 -19.56 21.84
N ASN A 296 1.30 -20.86 21.62
CA ASN A 296 2.37 -21.70 22.17
C ASN A 296 3.70 -21.36 21.51
N TYR A 297 3.70 -21.26 20.19
CA TYR A 297 4.91 -20.86 19.48
C TYR A 297 5.49 -19.58 20.07
N VAL A 298 4.64 -18.54 20.19
CA VAL A 298 5.12 -17.21 20.57
C VAL A 298 5.60 -17.19 22.01
N GLU A 299 4.79 -17.75 22.94
CA GLU A 299 5.17 -17.78 24.35
C GLU A 299 6.48 -18.51 24.55
N ASN A 300 6.78 -19.48 23.69
CA ASN A 300 8.02 -20.25 23.79
C ASN A 300 9.18 -19.58 23.06
N ARG A 301 8.96 -18.42 22.45
CA ARG A 301 10.09 -17.69 21.90
C ARG A 301 10.93 -17.12 23.03
N PRO A 302 12.26 -17.01 22.83
CA PRO A 302 13.11 -16.29 23.79
C PRO A 302 12.48 -14.96 24.17
N LYS A 303 12.66 -14.55 25.44
CA LYS A 303 12.23 -13.23 25.89
C LYS A 303 13.23 -12.16 25.51
N TYR A 304 12.74 -10.95 25.28
CA TYR A 304 13.51 -9.79 24.89
C TYR A 304 12.92 -8.59 25.60
N ALA A 305 13.80 -7.72 26.13
CA ALA A 305 13.31 -6.50 26.75
C ALA A 305 12.88 -5.48 25.71
N GLY A 306 13.38 -5.58 24.49
CA GLY A 306 13.12 -4.57 23.47
C GLY A 306 13.82 -3.27 23.82
N LEU A 307 14.41 -2.62 22.83
CA LEU A 307 15.14 -1.38 22.99
C LEU A 307 14.19 -0.19 23.06
N THR A 308 14.66 0.89 23.68
CA THR A 308 13.86 2.11 23.69
C THR A 308 13.90 2.73 22.31
N PHE A 309 12.98 3.64 22.06
CA PHE A 309 12.87 4.23 20.75
C PHE A 309 14.06 5.14 20.47
N PRO A 310 14.60 5.87 21.46
CA PRO A 310 15.83 6.62 21.18
C PRO A 310 16.99 5.73 20.73
N LYS A 311 17.12 4.52 21.26
CA LYS A 311 18.12 3.59 20.74
C LYS A 311 17.74 3.06 19.37
N LEU A 312 16.45 2.77 19.14
CA LEU A 312 16.03 2.25 17.84
C LEU A 312 16.06 3.31 16.75
N PHE A 313 16.07 4.59 17.13
CA PHE A 313 16.08 5.69 16.17
C PHE A 313 16.83 6.85 16.79
N PRO A 314 18.14 6.72 16.97
CA PRO A 314 18.89 7.73 17.72
C PRO A 314 18.86 9.07 17.02
N ASP A 315 19.35 10.10 17.73
CA ASP A 315 19.30 11.45 17.15
C ASP A 315 20.16 11.55 15.91
N SER A 316 21.20 10.73 15.79
CA SER A 316 22.03 10.73 14.59
C SER A 316 21.17 10.71 13.34
N LEU A 317 20.11 9.90 13.33
CA LEU A 317 19.31 9.76 12.13
C LEU A 317 18.49 11.01 11.80
N PHE A 318 18.28 11.88 12.75
CA PHE A 318 17.38 12.99 12.51
C PHE A 318 18.14 14.29 12.27
N PRO A 319 17.63 15.17 11.40
CA PRO A 319 18.09 16.56 11.42
C PRO A 319 17.85 17.14 12.80
N ALA A 320 18.93 17.60 13.43
CA ALA A 320 18.84 18.06 14.80
C ALA A 320 19.88 19.15 15.05
N ASP A 321 19.90 20.15 14.17
CA ASP A 321 20.84 21.27 14.22
C ASP A 321 20.24 22.51 14.87
N SER A 322 19.03 22.87 14.49
CA SER A 322 18.28 23.95 15.10
C SER A 322 17.41 23.42 16.24
N GLU A 323 16.89 24.35 17.03
CA GLU A 323 15.88 23.98 18.01
C GLU A 323 14.64 23.43 17.31
N HIS A 324 14.21 24.07 16.22
CA HIS A 324 13.04 23.55 15.51
C HIS A 324 13.21 22.08 15.16
N ASN A 325 14.37 21.71 14.60
CA ASN A 325 14.58 20.32 14.22
C ASN A 325 14.69 19.40 15.43
N LYS A 326 15.35 19.85 16.51
CA LYS A 326 15.44 19.03 17.72
C LYS A 326 14.05 18.64 18.21
N LEU A 327 13.13 19.60 18.23
CA LEU A 327 11.78 19.29 18.68
C LEU A 327 11.06 18.36 17.70
N LYS A 328 11.24 18.58 16.40
CA LYS A 328 10.62 17.72 15.39
C LYS A 328 11.06 16.28 15.56
N ALA A 329 12.35 16.05 15.78
CA ALA A 329 12.84 14.69 15.95
C ALA A 329 12.16 14.02 17.14
N SER A 330 12.05 14.73 18.27
CA SER A 330 11.41 14.11 19.44
C SER A 330 9.93 13.89 19.21
N GLN A 331 9.27 14.77 18.45
CA GLN A 331 7.90 14.47 18.06
C GLN A 331 7.87 13.25 17.14
N ALA A 332 8.77 13.22 16.16
CA ALA A 332 8.84 12.08 15.25
C ALA A 332 9.02 10.77 16.02
N ARG A 333 9.93 10.78 17.00
CA ARG A 333 10.16 9.56 17.77
C ARG A 333 8.96 9.21 18.62
N ASP A 334 8.27 10.21 19.15
CA ASP A 334 7.04 9.94 19.90
C ASP A 334 6.02 9.23 19.04
N LEU A 335 5.75 9.77 17.84
CA LEU A 335 4.79 9.11 16.96
C LEU A 335 5.20 7.68 16.67
N LEU A 336 6.44 7.48 16.20
CA LEU A 336 6.92 6.13 15.95
C LEU A 336 6.61 5.22 17.11
N SER A 337 6.85 5.68 18.34
CA SER A 337 6.62 4.86 19.52
C SER A 337 5.16 4.54 19.75
N LYS A 338 4.22 5.24 19.10
CA LYS A 338 2.80 4.94 19.28
C LYS A 338 2.24 4.15 18.11
N MET A 339 3.04 3.97 17.06
CA MET A 339 2.65 3.26 15.86
C MET A 339 3.27 1.87 15.84
N LEU A 340 4.57 1.78 16.12
CA LEU A 340 5.28 0.50 16.19
C LEU A 340 5.01 -0.19 17.52
N VAL A 341 3.75 -0.58 17.73
CA VAL A 341 3.29 -1.19 18.98
C VAL A 341 2.64 -2.54 18.68
N ILE A 342 3.14 -3.60 19.31
CA ILE A 342 2.70 -4.95 18.95
C ILE A 342 1.23 -5.14 19.26
N ASP A 343 0.79 -4.79 20.46
CA ASP A 343 -0.59 -5.05 20.85
C ASP A 343 -1.48 -3.98 20.19
N PRO A 344 -2.43 -4.38 19.35
CA PRO A 344 -3.29 -3.36 18.74
C PRO A 344 -4.09 -2.55 19.76
N ALA A 345 -4.34 -3.10 20.95
CA ALA A 345 -5.19 -2.42 21.92
C ALA A 345 -4.53 -1.14 22.41
N LYS A 346 -3.20 -1.13 22.54
CA LYS A 346 -2.48 0.07 22.95
C LYS A 346 -1.69 0.68 21.79
N ARG A 347 -2.17 0.49 20.57
CA ARG A 347 -1.60 1.09 19.38
C ARG A 347 -2.49 2.25 18.96
N ILE A 348 -1.86 3.36 18.56
CA ILE A 348 -2.59 4.60 18.30
C ILE A 348 -3.56 4.44 17.12
N SER A 349 -4.66 5.18 17.19
CA SER A 349 -5.66 5.20 16.15
C SER A 349 -5.18 5.97 14.91
N VAL A 350 -5.96 5.89 13.84
CA VAL A 350 -5.68 6.66 12.64
C VAL A 350 -6.09 8.12 12.84
N ASP A 351 -7.23 8.36 13.49
CA ASP A 351 -7.64 9.72 13.81
C ASP A 351 -6.76 10.34 14.88
N ASP A 352 -6.26 9.53 15.82
CA ASP A 352 -5.34 10.03 16.83
C ASP A 352 -3.97 10.32 16.24
N ALA A 353 -3.53 9.51 15.28
CA ALA A 353 -2.26 9.79 14.63
C ALA A 353 -2.33 11.10 13.86
N LEU A 354 -3.42 11.28 13.11
CA LEU A 354 -3.60 12.50 12.33
C LEU A 354 -3.49 13.74 13.20
N GLN A 355 -3.91 13.65 14.46
CA GLN A 355 -3.92 14.78 15.37
C GLN A 355 -2.74 14.76 16.32
N HIS A 356 -1.69 14.00 15.99
CA HIS A 356 -0.40 14.01 16.68
C HIS A 356 0.41 15.25 16.27
N PRO A 357 1.18 15.82 17.21
CA PRO A 357 1.87 17.08 16.88
C PRO A 357 2.80 16.99 15.67
N TYR A 358 3.50 15.86 15.47
CA TYR A 358 4.32 15.73 14.27
C TYR A 358 3.50 15.84 13.01
N ILE A 359 2.21 15.50 13.09
CA ILE A 359 1.38 15.29 11.91
C ILE A 359 0.37 16.40 11.73
N ASN A 360 -0.24 16.87 12.82
CA ASN A 360 -1.40 17.74 12.66
C ASN A 360 -1.05 19.15 12.18
N VAL A 361 0.22 19.42 11.85
CA VAL A 361 0.55 20.71 11.25
C VAL A 361 -0.09 20.88 9.88
N TRP A 362 -0.52 19.77 9.27
CA TRP A 362 -1.03 19.78 7.91
C TRP A 362 -2.56 19.70 7.86
N TYR A 363 -3.22 19.83 9.02
CA TYR A 363 -4.63 19.49 9.11
C TYR A 363 -5.49 20.42 8.25
N ASP A 364 -6.56 19.84 7.71
CA ASP A 364 -7.57 20.53 6.92
C ASP A 364 -8.82 19.67 6.89
N PRO A 365 -9.93 20.13 7.49
CA PRO A 365 -11.13 19.28 7.57
C PRO A 365 -11.70 18.88 6.21
N ALA A 366 -11.09 19.38 5.13
CA ALA A 366 -11.50 19.02 3.78
C ALA A 366 -10.79 17.78 3.25
N GLU A 367 -9.72 17.32 3.92
CA GLU A 367 -8.93 16.19 3.45
C GLU A 367 -9.02 14.97 4.36
N VAL A 368 -9.35 15.16 5.64
CA VAL A 368 -9.56 14.04 6.57
C VAL A 368 -11.04 13.73 6.73
N GLU A 369 -11.90 14.36 5.95
CA GLU A 369 -13.33 14.37 6.22
C GLU A 369 -14.11 14.42 4.89
N ALA A 370 -13.99 13.35 4.09
CA ALA A 370 -14.72 13.25 2.83
C ALA A 370 -15.86 12.25 2.95
N PRO A 371 -16.92 12.41 2.16
CA PRO A 371 -18.07 11.51 2.26
C PRO A 371 -17.74 10.13 1.74
N PRO A 372 -18.02 9.08 2.51
CA PRO A 372 -17.81 7.72 2.03
C PRO A 372 -19.01 7.23 1.24
N PRO A 373 -18.81 6.78 -0.01
CA PRO A 373 -19.90 6.24 -0.83
C PRO A 373 -20.56 5.02 -0.20
N GLN A 379 -23.05 -3.59 -2.96
CA GLN A 379 -23.16 -5.02 -2.68
C GLN A 379 -21.79 -5.64 -2.40
N LEU A 380 -21.64 -6.26 -1.24
CA LEU A 380 -20.36 -6.83 -0.82
C LEU A 380 -20.04 -8.06 -1.67
N ASP A 381 -18.99 -7.96 -2.47
CA ASP A 381 -18.49 -9.08 -3.27
C ASP A 381 -17.38 -9.79 -2.50
N GLU A 382 -17.44 -11.12 -2.47
CA GLU A 382 -16.70 -11.90 -1.48
C GLU A 382 -16.69 -13.38 -1.83
N ARG A 383 -16.25 -13.73 -3.03
CA ARG A 383 -16.67 -14.99 -3.64
C ARG A 383 -15.48 -15.88 -4.00
N GLU A 384 -15.78 -16.95 -4.75
CA GLU A 384 -14.78 -17.93 -5.17
C GLU A 384 -15.39 -18.74 -6.32
N HIS A 385 -14.82 -18.59 -7.53
CA HIS A 385 -15.44 -19.09 -8.76
C HIS A 385 -14.42 -19.84 -9.61
N THR A 386 -14.91 -20.38 -10.72
CA THR A 386 -14.09 -20.97 -11.77
C THR A 386 -13.52 -19.87 -12.67
N ILE A 387 -12.54 -20.24 -13.49
CA ILE A 387 -11.87 -19.21 -14.27
C ILE A 387 -12.80 -18.61 -15.32
N GLU A 388 -13.67 -19.43 -15.91
CA GLU A 388 -14.63 -18.85 -16.85
C GLU A 388 -15.62 -17.94 -16.14
N GLU A 389 -16.01 -18.28 -14.92
CA GLU A 389 -16.86 -17.39 -14.13
C GLU A 389 -16.16 -16.08 -13.84
N TRP A 390 -14.90 -16.14 -13.42
CA TRP A 390 -14.13 -14.93 -13.14
C TRP A 390 -13.99 -14.07 -14.41
N LYS A 391 -13.73 -14.71 -15.55
CA LYS A 391 -13.62 -13.99 -16.81
C LYS A 391 -14.82 -13.09 -17.06
N GLU A 392 -16.03 -13.67 -17.02
CA GLU A 392 -17.22 -12.87 -17.29
C GLU A 392 -17.42 -11.79 -16.23
N LEU A 393 -17.17 -12.11 -14.97
CA LEU A 393 -17.38 -11.12 -13.91
C LEU A 393 -16.47 -9.91 -14.13
N ILE A 394 -15.19 -10.15 -14.43
CA ILE A 394 -14.26 -9.07 -14.72
C ILE A 394 -14.69 -8.33 -15.98
N TYR A 395 -15.01 -9.08 -17.04
CA TYR A 395 -15.40 -8.50 -18.31
C TYR A 395 -16.54 -7.50 -18.14
N LYS A 396 -17.62 -7.94 -17.50
CA LYS A 396 -18.74 -7.05 -17.25
C LYS A 396 -18.28 -5.73 -16.63
N GLU A 397 -17.40 -5.81 -15.62
CA GLU A 397 -16.92 -4.59 -14.96
C GLU A 397 -16.10 -3.73 -15.93
N VAL A 398 -15.22 -4.36 -16.73
CA VAL A 398 -14.50 -3.63 -17.76
C VAL A 398 -15.48 -2.90 -18.68
N MET A 399 -16.63 -3.53 -18.96
CA MET A 399 -17.65 -2.94 -19.83
C MET A 399 -18.79 -2.36 -19.00
N ASN A 400 -18.44 -1.49 -18.06
CA ASN A 400 -19.39 -0.93 -17.10
C ASN A 400 -20.77 -0.68 -17.71
#